data_5KHL
#
_entry.id   5KHL
#
_cell.length_a   62.884
_cell.length_b   62.884
_cell.length_c   135.774
_cell.angle_alpha   90.00
_cell.angle_beta   90.00
_cell.angle_gamma   90.00
#
_symmetry.space_group_name_H-M   'P 43 21 2'
#
loop_
_entity.id
_entity.type
_entity.pdbx_description
1 polymer 'Hemin ABC transporter, periplasmic hemin-binding protein HutB'
2 non-polymer 'SULFATE ION'
3 water water
#
_entity_poly.entity_id   1
_entity_poly.type   'polypeptide(L)'
_entity_poly.pdbx_seq_one_letter_code
;HHHHHHSSGLVPRGSHMRIVSAGSAVTELILALGAEQQLVAVDVTSEVPSSLNLPTVGYHRRLAAEGLLTLEPTHLIGSD
EMGPDTALQQLRSSGIQVNVINSDSTPQGLLTRIDQIAQITHTEQHAQKLKENVQQQINALQAKRPEKPKKVLFLLLHEG
RAANVAGSDTVPDTIIGLIGAHNPASPSITSYKPLSMESMIEMQPDMVLVSGRSLEKLGGADAVLNAVPMLAATPAGQNK
NIVAIDGHALVGGLGLKSLQEAQRIQTLLYP
;
_entity_poly.pdbx_strand_id   B
#
# COMPACT_ATOMS: atom_id res chain seq x y z
N SER A 15 23.71 4.76 -19.68
CA SER A 15 22.57 4.76 -18.77
C SER A 15 21.40 5.54 -19.35
N HIS A 16 21.08 5.25 -20.61
CA HIS A 16 19.80 5.65 -21.22
C HIS A 16 18.78 4.69 -20.64
N MET A 17 18.11 5.13 -19.59
CA MET A 17 17.41 4.21 -18.70
C MET A 17 16.23 3.50 -19.35
N ARG A 18 16.13 2.22 -19.07
CA ARG A 18 14.97 1.40 -19.42
C ARG A 18 14.57 0.61 -18.19
N ILE A 19 13.60 1.13 -17.45
CA ILE A 19 13.23 0.52 -16.18
C ILE A 19 11.99 -0.36 -16.26
N VAL A 20 12.11 -1.60 -15.80
CA VAL A 20 10.93 -2.37 -15.44
C VAL A 20 10.61 -2.17 -13.96
N SER A 21 9.52 -1.47 -13.68
CA SER A 21 9.08 -1.32 -12.31
C SER A 21 8.15 -2.47 -11.94
N ALA A 22 8.54 -3.22 -10.91
CA ALA A 22 7.88 -4.47 -10.60
C ALA A 22 6.88 -4.34 -9.45
N GLY A 23 6.62 -3.10 -9.04
CA GLY A 23 5.73 -2.85 -7.92
C GLY A 23 5.13 -1.47 -7.93
N SER A 24 3.84 -1.41 -7.58
CA SER A 24 3.09 -0.16 -7.44
C SER A 24 3.86 0.92 -6.65
N ALA A 25 4.44 0.53 -5.51
CA ALA A 25 5.19 1.44 -4.67
C ALA A 25 6.43 1.96 -5.40
N VAL A 26 6.99 1.15 -6.31
CA VAL A 26 8.10 1.64 -7.13
C VAL A 26 7.61 2.68 -8.14
N THR A 27 6.56 2.32 -8.86
CA THR A 27 6.02 3.16 -9.93
C THR A 27 5.63 4.56 -9.45
N GLU A 28 4.97 4.67 -8.30
CA GLU A 28 4.49 5.97 -7.84
C GLU A 28 5.68 6.90 -7.59
N LEU A 29 6.72 6.39 -6.94
CA LEU A 29 7.88 7.20 -6.64
C LEU A 29 8.59 7.61 -7.94
N ILE A 30 8.77 6.66 -8.86
CA ILE A 30 9.38 6.93 -10.18
C ILE A 30 8.64 8.08 -10.90
N LEU A 31 7.31 8.03 -10.86
CA LEU A 31 6.50 9.12 -11.38
C LEU A 31 6.68 10.39 -10.56
N ALA A 32 6.66 10.28 -9.23
CA ALA A 32 6.72 11.46 -8.35
C ALA A 32 8.01 12.21 -8.54
N LEU A 33 9.07 11.46 -8.87
CA LEU A 33 10.40 12.06 -9.05
C LEU A 33 10.58 12.53 -10.49
N GLY A 34 9.50 12.48 -11.27
CA GLY A 34 9.50 12.97 -12.63
C GLY A 34 10.19 12.08 -13.65
N ALA A 35 10.39 10.80 -13.31
CA ALA A 35 11.20 9.93 -14.18
C ALA A 35 10.38 8.90 -14.93
N GLU A 36 9.14 9.22 -15.28
CA GLU A 36 8.30 8.25 -16.00
C GLU A 36 8.84 7.89 -17.40
N GLN A 37 9.62 8.77 -18.02
CA GLN A 37 10.15 8.48 -19.37
C GLN A 37 11.17 7.35 -19.35
N GLN A 38 11.61 6.97 -18.14
CA GLN A 38 12.57 5.89 -17.96
C GLN A 38 11.93 4.50 -17.88
N LEU A 39 10.63 4.46 -17.57
CA LEU A 39 9.87 3.23 -17.55
C LEU A 39 9.73 2.65 -18.96
N VAL A 40 9.94 1.35 -19.08
CA VAL A 40 9.62 0.61 -20.31
C VAL A 40 8.50 -0.37 -20.05
N ALA A 41 8.23 -0.64 -18.78
CA ALA A 41 7.18 -1.60 -18.40
C ALA A 41 6.92 -1.54 -16.91
N VAL A 42 5.72 -1.91 -16.50
CA VAL A 42 5.31 -1.90 -15.11
C VAL A 42 4.62 -3.22 -14.81
N ASP A 43 4.30 -3.46 -13.53
CA ASP A 43 3.65 -4.70 -13.16
C ASP A 43 2.14 -4.51 -13.16
N VAL A 44 1.37 -5.56 -12.90
CA VAL A 44 -0.10 -5.45 -12.94
C VAL A 44 -0.65 -4.45 -11.92
N THR A 45 -0.03 -4.37 -10.74
CA THR A 45 -0.51 -3.50 -9.65
C THR A 45 -0.15 -2.02 -9.84
N SER A 46 0.72 -1.72 -10.82
CA SER A 46 1.18 -0.35 -11.01
C SER A 46 0.18 0.44 -11.81
N GLU A 47 0.09 1.73 -11.52
CA GLU A 47 -0.77 2.63 -12.28
C GLU A 47 0.05 3.71 -12.96
N VAL A 48 -0.22 3.85 -14.26
CA VAL A 48 0.53 4.72 -15.12
C VAL A 48 -0.48 5.29 -16.09
N PRO A 49 -0.19 6.46 -16.68
CA PRO A 49 -1.20 7.02 -17.58
C PRO A 49 -1.34 6.20 -18.86
N SER A 50 -2.58 6.04 -19.30
CA SER A 50 -2.91 5.30 -20.52
C SER A 50 -2.02 5.72 -21.67
N SER A 51 -1.74 7.01 -21.74
CA SER A 51 -0.95 7.62 -22.81
C SER A 51 0.43 6.97 -23.03
N LEU A 52 1.00 6.40 -21.98
CA LEU A 52 2.37 5.89 -22.03
C LEU A 52 2.50 4.63 -22.86
N ASN A 53 1.36 3.92 -23.01
CA ASN A 53 1.33 2.63 -23.69
C ASN A 53 2.35 1.64 -23.11
N LEU A 54 2.51 1.64 -21.79
CA LEU A 54 3.51 0.78 -21.17
C LEU A 54 3.00 -0.67 -21.12
N PRO A 55 3.83 -1.62 -21.52
CA PRO A 55 3.47 -3.02 -21.36
C PRO A 55 3.47 -3.43 -19.89
N THR A 56 2.62 -4.41 -19.57
CA THR A 56 2.63 -4.97 -18.23
C THR A 56 3.53 -6.17 -18.25
N VAL A 57 3.72 -6.75 -17.09
CA VAL A 57 4.84 -7.63 -16.92
C VAL A 57 4.31 -8.71 -15.98
N GLY A 58 3.05 -8.53 -15.62
CA GLY A 58 2.34 -9.53 -14.85
C GLY A 58 2.56 -9.29 -13.36
N TYR A 59 2.59 -10.37 -12.62
CA TYR A 59 2.70 -10.34 -11.17
C TYR A 59 4.16 -10.54 -10.79
N HIS A 60 4.67 -9.66 -9.92
CA HIS A 60 6.10 -9.62 -9.65
C HIS A 60 6.60 -10.92 -9.00
N ARG A 61 5.67 -11.73 -8.51
CA ARG A 61 6.01 -13.04 -7.97
C ARG A 61 6.15 -14.09 -9.08
N ARG A 62 5.82 -13.69 -10.30
CA ARG A 62 5.85 -14.60 -11.44
C ARG A 62 6.29 -13.84 -12.69
N LEU A 63 7.50 -13.32 -12.60
CA LEU A 63 8.11 -12.64 -13.72
C LEU A 63 8.59 -13.66 -14.72
N ALA A 64 8.49 -13.32 -16.00
CA ALA A 64 8.97 -14.15 -17.10
C ALA A 64 10.33 -13.63 -17.57
N ALA A 65 11.34 -14.48 -17.47
CA ALA A 65 12.69 -14.03 -17.79
C ALA A 65 12.80 -13.57 -19.25
N GLU A 66 12.38 -14.42 -20.17
CA GLU A 66 12.44 -14.09 -21.59
C GLU A 66 11.54 -12.91 -21.93
N GLY A 67 10.36 -12.87 -21.31
CA GLY A 67 9.42 -11.79 -21.57
C GLY A 67 10.02 -10.44 -21.21
N LEU A 68 10.75 -10.42 -20.11
CA LEU A 68 11.41 -9.20 -19.67
C LEU A 68 12.59 -8.85 -20.58
N LEU A 69 13.31 -9.88 -21.02
CA LEU A 69 14.51 -9.69 -21.81
C LEU A 69 14.21 -9.03 -23.15
N THR A 70 13.04 -9.29 -23.71
CA THR A 70 12.67 -8.70 -25.01
C THR A 70 12.50 -7.19 -24.89
N LEU A 71 12.36 -6.69 -23.67
CA LEU A 71 12.24 -5.25 -23.42
C LEU A 71 13.58 -4.56 -23.35
N GLU A 72 14.65 -5.33 -23.48
CA GLU A 72 16.02 -4.82 -23.35
C GLU A 72 16.12 -3.82 -22.21
N PRO A 73 15.67 -4.22 -21.01
CA PRO A 73 15.68 -3.28 -19.90
C PRO A 73 17.09 -3.12 -19.35
N THR A 74 17.32 -2.09 -18.54
CA THR A 74 18.60 -1.92 -17.86
C THR A 74 18.43 -2.17 -16.36
N HIS A 75 17.22 -1.97 -15.88
CA HIS A 75 16.91 -2.18 -14.49
C HIS A 75 15.62 -2.96 -14.34
N LEU A 76 15.61 -3.82 -13.32
CA LEU A 76 14.37 -4.39 -12.80
C LEU A 76 14.35 -3.99 -11.36
N ILE A 77 13.36 -3.19 -10.99
CA ILE A 77 13.25 -2.68 -9.65
C ILE A 77 11.99 -3.19 -8.99
N GLY A 78 12.13 -3.79 -7.82
CA GLY A 78 10.95 -4.17 -7.06
C GLY A 78 11.29 -4.57 -5.65
N SER A 79 10.32 -5.17 -4.97
CA SER A 79 10.51 -5.60 -3.59
C SER A 79 11.24 -6.91 -3.55
N ASP A 80 11.53 -7.40 -2.34
CA ASP A 80 12.25 -8.64 -2.18
C ASP A 80 11.38 -9.83 -2.53
N GLU A 81 10.15 -9.55 -2.96
CA GLU A 81 9.22 -10.57 -3.41
C GLU A 81 9.31 -10.84 -4.92
N MET A 82 10.04 -10.00 -5.64
CA MET A 82 10.23 -10.22 -7.07
C MET A 82 10.74 -11.63 -7.23
N GLY A 83 10.25 -12.33 -8.24
CA GLY A 83 10.66 -13.69 -8.47
C GLY A 83 9.94 -14.20 -9.70
N PRO A 84 10.12 -15.49 -10.02
CA PRO A 84 10.95 -16.42 -9.23
C PRO A 84 12.44 -16.12 -9.34
N ASP A 85 13.22 -16.70 -8.42
CA ASP A 85 14.63 -16.37 -8.36
C ASP A 85 15.36 -16.82 -9.61
N THR A 86 14.89 -17.91 -10.19
CA THR A 86 15.50 -18.42 -11.41
C THR A 86 15.41 -17.43 -12.59
N ALA A 87 14.41 -16.56 -12.57
CA ALA A 87 14.27 -15.56 -13.62
C ALA A 87 15.15 -14.38 -13.30
N LEU A 88 15.24 -14.06 -12.01
CA LEU A 88 16.09 -12.97 -11.58
C LEU A 88 17.56 -13.25 -11.91
N GLN A 89 18.00 -14.50 -11.82
CA GLN A 89 19.39 -14.80 -12.18
C GLN A 89 19.61 -14.62 -13.68
N GLN A 90 18.66 -15.08 -14.48
CA GLN A 90 18.72 -14.92 -15.94
C GLN A 90 18.84 -13.45 -16.37
N LEU A 91 18.25 -12.56 -15.59
CA LEU A 91 18.37 -11.14 -15.87
C LEU A 91 19.74 -10.61 -15.46
N ARG A 92 20.12 -10.91 -14.22
CA ARG A 92 21.45 -10.60 -13.71
C ARG A 92 22.54 -11.11 -14.62
N SER A 93 22.55 -12.42 -14.89
CA SER A 93 23.58 -13.05 -15.72
C SER A 93 23.64 -12.40 -17.11
N SER A 94 22.53 -11.78 -17.52
CA SER A 94 22.48 -11.08 -18.79
C SER A 94 22.80 -9.60 -18.66
N GLY A 95 23.05 -9.13 -17.44
CA GLY A 95 23.52 -7.77 -17.24
C GLY A 95 22.48 -6.74 -16.83
N ILE A 96 21.26 -7.19 -16.53
CA ILE A 96 20.22 -6.30 -16.02
C ILE A 96 20.43 -6.01 -14.53
N GLN A 97 20.43 -4.73 -14.15
CA GLN A 97 20.47 -4.38 -12.74
C GLN A 97 19.16 -4.79 -12.05
N VAL A 98 19.26 -5.69 -11.07
CA VAL A 98 18.08 -6.12 -10.34
C VAL A 98 18.09 -5.51 -8.94
N ASN A 99 17.30 -4.45 -8.77
CA ASN A 99 17.26 -3.69 -7.52
C ASN A 99 16.11 -4.05 -6.61
N VAL A 100 16.45 -4.73 -5.53
CA VAL A 100 15.51 -4.97 -4.45
C VAL A 100 15.48 -3.72 -3.58
N ILE A 101 14.28 -3.33 -3.20
CA ILE A 101 14.01 -2.00 -2.71
C ILE A 101 13.12 -2.14 -1.48
N ASN A 102 12.99 -1.08 -0.66
CA ASN A 102 12.27 -1.19 0.62
C ASN A 102 10.79 -1.58 0.50
N SER A 103 10.31 -2.45 1.39
CA SER A 103 8.86 -2.68 1.47
C SER A 103 8.29 -2.80 2.91
N ASP A 104 8.88 -2.07 3.89
CA ASP A 104 8.27 -1.89 5.23
C ASP A 104 6.91 -1.22 5.19
N SER A 105 6.19 -1.37 6.28
CA SER A 105 4.98 -0.62 6.52
C SER A 105 5.26 0.70 7.27
N THR A 106 6.52 1.09 7.39
CA THR A 106 6.85 2.27 8.17
C THR A 106 7.04 3.54 7.35
N PRO A 107 6.75 4.68 7.94
CA PRO A 107 7.11 5.94 7.29
C PRO A 107 8.59 6.04 6.88
N GLN A 108 9.51 5.52 7.70
CA GLN A 108 10.92 5.64 7.31
C GLN A 108 11.19 4.74 6.11
N GLY A 109 10.39 3.68 5.98
CA GLY A 109 10.50 2.79 4.85
C GLY A 109 10.25 3.61 3.58
N LEU A 110 9.22 4.45 3.61
CA LEU A 110 8.92 5.35 2.50
C LEU A 110 10.06 6.31 2.20
N LEU A 111 10.63 6.93 3.23
CA LEU A 111 11.72 7.87 3.02
C LEU A 111 12.94 7.16 2.44
N THR A 112 13.21 5.95 2.91
CA THR A 112 14.28 5.11 2.37
C THR A 112 14.02 4.70 0.91
N ARG A 113 12.78 4.33 0.62
CA ARG A 113 12.36 3.96 -0.73
C ARG A 113 12.60 5.12 -1.70
N ILE A 114 12.27 6.33 -1.27
CA ILE A 114 12.45 7.52 -2.09
C ILE A 114 13.93 7.70 -2.40
N ASP A 115 14.78 7.48 -1.41
CA ASP A 115 16.23 7.57 -1.61
C ASP A 115 16.72 6.51 -2.59
N GLN A 116 16.23 5.28 -2.41
CA GLN A 116 16.68 4.14 -3.21
C GLN A 116 16.35 4.36 -4.67
N ILE A 117 15.15 4.87 -4.95
CA ILE A 117 14.70 5.15 -6.31
C ILE A 117 15.38 6.35 -6.94
N ALA A 118 15.43 7.47 -6.19
CA ALA A 118 16.09 8.70 -6.64
C ALA A 118 17.51 8.43 -7.11
N GLN A 119 18.19 7.54 -6.40
CA GLN A 119 19.53 7.12 -6.75
C GLN A 119 19.61 6.33 -8.08
N ILE A 120 18.72 5.34 -8.24
CA ILE A 120 18.72 4.51 -9.44
C ILE A 120 18.34 5.33 -10.67
N THR A 121 17.35 6.20 -10.49
CA THR A 121 16.82 7.00 -11.60
C THR A 121 17.54 8.36 -11.76
N HIS A 122 18.56 8.57 -10.93
CA HIS A 122 19.38 9.77 -10.98
C HIS A 122 18.55 11.04 -10.83
N THR A 123 17.59 11.02 -9.93
CA THR A 123 16.79 12.21 -9.63
C THR A 123 16.92 12.61 -8.16
N GLU A 124 18.11 12.45 -7.59
CA GLU A 124 18.35 12.81 -6.19
C GLU A 124 17.90 14.22 -5.91
N GLN A 125 18.10 15.09 -6.91
CA GLN A 125 17.68 16.49 -6.86
C GLN A 125 16.25 16.63 -6.30
N HIS A 126 15.36 15.75 -6.73
CA HIS A 126 13.95 15.83 -6.34
C HIS A 126 13.67 15.15 -5.01
N ALA A 127 14.67 14.45 -4.47
CA ALA A 127 14.45 13.59 -3.32
C ALA A 127 14.04 14.41 -2.12
N GLN A 128 14.87 15.40 -1.79
CA GLN A 128 14.65 16.22 -0.62
C GLN A 128 13.29 16.87 -0.68
N LYS A 129 12.98 17.52 -1.79
CA LYS A 129 11.69 18.19 -1.88
C LYS A 129 10.52 17.22 -1.75
N LEU A 130 10.68 16.00 -2.25
CA LEU A 130 9.62 14.99 -2.14
C LEU A 130 9.56 14.38 -0.74
N LYS A 131 10.73 14.10 -0.16
CA LYS A 131 10.76 13.59 1.20
C LYS A 131 10.21 14.65 2.13
N GLU A 132 10.48 15.90 1.78
CA GLU A 132 9.97 17.03 2.55
C GLU A 132 8.45 17.10 2.49
N ASN A 133 7.87 16.95 1.31
CA ASN A 133 6.42 16.96 1.25
C ASN A 133 5.87 15.79 2.05
N VAL A 134 6.54 14.64 1.92
CA VAL A 134 6.12 13.45 2.64
C VAL A 134 6.07 13.69 4.13
N GLN A 135 7.10 14.33 4.66
CA GLN A 135 7.14 14.62 6.09
C GLN A 135 6.11 15.68 6.48
N GLN A 136 6.02 16.76 5.71
CA GLN A 136 4.93 17.74 5.89
C GLN A 136 3.54 17.11 5.97
N GLN A 137 3.18 16.23 5.03
CA GLN A 137 1.86 15.57 5.08
C GLN A 137 1.71 14.79 6.37
N ILE A 138 2.79 14.15 6.79
CA ILE A 138 2.77 13.29 7.95
C ILE A 138 2.58 14.13 9.19
N ASN A 139 3.26 15.27 9.23
CA ASN A 139 3.12 16.22 10.33
C ASN A 139 1.72 16.85 10.35
N ALA A 140 1.25 17.24 9.16
CA ALA A 140 -0.14 17.73 9.01
C ALA A 140 -1.15 16.69 9.51
N LEU A 141 -0.97 15.43 9.16
CA LEU A 141 -1.81 14.36 9.68
C LEU A 141 -1.70 14.22 11.22
N GLN A 142 -0.47 14.19 11.71
CA GLN A 142 -0.19 14.01 13.14
C GLN A 142 -0.68 15.23 13.93
N ALA A 143 -0.59 16.42 13.33
CA ALA A 143 -1.09 17.64 13.95
C ALA A 143 -2.57 17.54 14.31
N LYS A 144 -3.35 16.82 13.52
CA LYS A 144 -4.79 16.73 13.77
C LYS A 144 -5.15 15.60 14.75
N ARG A 145 -4.16 14.94 15.31
CA ARG A 145 -4.45 13.88 16.27
C ARG A 145 -4.98 14.44 17.58
N PRO A 146 -6.21 14.03 17.97
CA PRO A 146 -6.81 14.45 19.25
C PRO A 146 -6.21 13.77 20.49
N GLU A 147 -6.57 14.29 21.66
CA GLU A 147 -6.24 13.71 22.96
C GLU A 147 -7.01 12.42 23.22
N LYS A 148 -8.21 12.35 22.66
CA LYS A 148 -9.04 11.17 22.73
C LYS A 148 -9.23 10.56 21.34
N PRO A 149 -8.17 9.92 20.81
CA PRO A 149 -8.28 9.25 19.50
C PRO A 149 -9.43 8.23 19.45
N LYS A 150 -10.05 8.09 18.27
CA LYS A 150 -11.08 7.08 18.09
C LYS A 150 -10.46 5.72 17.79
N LYS A 151 -11.30 4.72 17.57
CA LYS A 151 -10.81 3.36 17.30
C LYS A 151 -11.21 2.95 15.90
N VAL A 152 -10.24 2.44 15.15
CA VAL A 152 -10.39 2.10 13.74
C VAL A 152 -9.76 0.74 13.46
N LEU A 153 -10.51 -0.14 12.81
CA LEU A 153 -9.95 -1.41 12.36
C LEU A 153 -9.96 -1.48 10.85
N PHE A 154 -8.95 -2.16 10.32
CA PHE A 154 -8.98 -2.53 8.92
C PHE A 154 -9.31 -4.02 8.79
N LEU A 155 -10.35 -4.32 8.04
CA LEU A 155 -10.77 -5.71 7.81
C LEU A 155 -10.45 -6.17 6.40
N LEU A 156 -9.79 -7.31 6.31
CA LEU A 156 -9.45 -7.91 5.05
C LEU A 156 -10.47 -9.00 4.83
N LEU A 157 -11.44 -8.72 3.97
CA LEU A 157 -12.56 -9.64 3.74
C LEU A 157 -12.42 -10.35 2.39
N HIS A 158 -12.71 -11.65 2.35
CA HIS A 158 -12.76 -12.38 1.08
C HIS A 158 -13.99 -13.28 1.03
N GLU A 159 -14.38 -13.64 -0.19
CA GLU A 159 -15.49 -14.56 -0.40
C GLU A 159 -15.08 -15.93 0.14
N GLY A 160 -15.84 -16.45 1.10
CA GLY A 160 -15.57 -17.76 1.66
C GLY A 160 -14.35 -17.88 2.58
N ARG A 161 -13.56 -16.82 2.71
CA ARG A 161 -12.45 -16.80 3.67
C ARG A 161 -12.91 -16.17 4.97
N ALA A 162 -12.21 -16.50 6.06
CA ALA A 162 -12.50 -15.89 7.34
C ALA A 162 -12.03 -14.44 7.36
N ALA A 163 -12.88 -13.56 7.87
CA ALA A 163 -12.57 -12.13 7.97
C ALA A 163 -11.27 -11.87 8.71
N ASN A 164 -10.25 -11.39 8.01
CA ASN A 164 -8.98 -11.07 8.65
C ASN A 164 -8.88 -9.63 9.13
N VAL A 165 -7.88 -9.37 9.96
CA VAL A 165 -7.63 -8.04 10.46
C VAL A 165 -6.14 -7.66 10.35
N ALA A 166 -5.88 -6.37 10.18
CA ALA A 166 -4.52 -5.88 10.17
C ALA A 166 -4.09 -5.51 11.58
N GLY A 167 -3.16 -6.30 12.12
CA GLY A 167 -2.54 -5.97 13.39
C GLY A 167 -1.30 -5.14 13.18
N SER A 168 -0.33 -5.30 14.07
CA SER A 168 0.93 -4.58 13.98
C SER A 168 1.66 -4.86 12.67
N ASP A 169 2.60 -3.98 12.32
CA ASP A 169 3.46 -4.13 11.14
C ASP A 169 2.75 -4.26 9.78
N THR A 170 1.59 -3.63 9.65
CA THR A 170 0.91 -3.59 8.37
C THR A 170 0.72 -2.15 7.90
N VAL A 171 0.73 -1.94 6.59
CA VAL A 171 0.43 -0.62 6.06
C VAL A 171 -0.93 -0.09 6.58
N PRO A 172 -1.97 -0.94 6.66
CA PRO A 172 -3.20 -0.42 7.28
C PRO A 172 -3.03 -0.03 8.74
N ASP A 173 -2.17 -0.70 9.49
CA ASP A 173 -1.88 -0.25 10.85
C ASP A 173 -1.22 1.13 10.91
N THR A 174 -0.23 1.35 10.05
CA THR A 174 0.48 2.62 10.03
C THR A 174 -0.46 3.77 9.68
N ILE A 175 -1.35 3.51 8.72
CA ILE A 175 -2.28 4.52 8.23
C ILE A 175 -3.26 4.94 9.33
N ILE A 176 -3.75 3.97 10.10
CA ILE A 176 -4.62 4.22 11.25
C ILE A 176 -3.91 5.11 12.31
N GLY A 177 -2.65 4.82 12.60
CA GLY A 177 -1.88 5.66 13.52
C GLY A 177 -1.74 7.07 12.97
N LEU A 178 -1.43 7.19 11.68
CA LEU A 178 -1.23 8.49 11.05
C LEU A 178 -2.49 9.34 10.99
N ILE A 179 -3.67 8.73 10.86
CA ILE A 179 -4.89 9.51 10.89
C ILE A 179 -5.23 9.89 12.34
N GLY A 180 -4.44 9.38 13.29
CA GLY A 180 -4.61 9.73 14.68
C GLY A 180 -5.65 8.88 15.37
N ALA A 181 -5.80 7.63 14.92
CA ALA A 181 -6.69 6.71 15.60
C ALA A 181 -5.88 5.64 16.35
N HIS A 182 -6.56 4.92 17.23
CA HIS A 182 -6.06 3.66 17.77
C HIS A 182 -6.44 2.49 16.87
N ASN A 183 -5.47 1.62 16.60
CA ASN A 183 -5.77 0.32 16.01
C ASN A 183 -5.87 -0.71 17.12
N PRO A 184 -7.10 -1.03 17.57
CA PRO A 184 -7.27 -1.92 18.73
C PRO A 184 -6.60 -3.28 18.53
N ALA A 185 -6.44 -3.67 17.28
CA ALA A 185 -5.79 -4.94 16.96
C ALA A 185 -4.27 -4.90 17.08
N SER A 186 -3.67 -3.71 17.05
CA SER A 186 -2.20 -3.57 16.82
C SER A 186 -1.27 -4.06 17.93
N PRO A 187 -1.70 -4.04 19.19
CA PRO A 187 -0.83 -4.72 20.14
C PRO A 187 -0.87 -6.25 19.98
N SER A 188 -2.04 -6.84 20.23
CA SER A 188 -2.24 -8.28 20.26
C SER A 188 -2.00 -9.04 18.94
N ILE A 189 -2.24 -8.38 17.82
CA ILE A 189 -2.15 -9.07 16.54
C ILE A 189 -0.95 -8.57 15.76
N THR A 190 -0.28 -9.50 15.09
CA THR A 190 0.84 -9.12 14.27
C THR A 190 0.56 -9.57 12.85
N SER A 191 0.78 -8.67 11.90
CA SER A 191 0.45 -8.90 10.51
C SER A 191 -1.06 -9.15 10.35
N TYR A 192 -1.44 -9.83 9.29
CA TYR A 192 -2.84 -10.13 9.01
C TYR A 192 -3.29 -11.48 9.57
N LYS A 193 -4.26 -11.47 10.47
CA LYS A 193 -4.73 -12.70 11.08
C LYS A 193 -6.26 -12.70 11.10
N PRO A 194 -6.87 -13.89 11.14
CA PRO A 194 -8.30 -14.00 11.39
C PRO A 194 -8.69 -13.26 12.68
N LEU A 195 -9.76 -12.47 12.60
CA LEU A 195 -10.23 -11.73 13.76
C LEU A 195 -11.44 -12.40 14.36
N SER A 196 -11.26 -12.97 15.54
CA SER A 196 -12.35 -13.64 16.24
C SER A 196 -13.50 -12.66 16.42
N MET A 197 -14.72 -13.14 16.23
CA MET A 197 -15.89 -12.30 16.38
CA MET A 197 -15.93 -12.35 16.42
C MET A 197 -15.92 -11.64 17.77
N GLU A 198 -15.42 -12.34 18.78
CA GLU A 198 -15.36 -11.82 20.16
C GLU A 198 -14.40 -10.63 20.30
N SER A 199 -13.21 -10.74 19.73
CA SER A 199 -12.21 -9.66 19.75
C SER A 199 -12.81 -8.40 19.12
N MET A 200 -13.52 -8.58 18.00
CA MET A 200 -14.12 -7.46 17.29
C MET A 200 -15.15 -6.77 18.16
N ILE A 201 -16.04 -7.56 18.75
CA ILE A 201 -16.97 -7.02 19.73
C ILE A 201 -16.24 -6.27 20.85
N GLU A 202 -15.16 -6.87 21.34
CA GLU A 202 -14.38 -6.28 22.42
C GLU A 202 -13.71 -4.96 22.01
N MET A 203 -13.15 -4.93 20.81
CA MET A 203 -12.39 -3.78 20.30
C MET A 203 -13.27 -2.55 20.00
N GLN A 204 -14.55 -2.79 19.80
CA GLN A 204 -15.51 -1.72 19.62
C GLN A 204 -15.10 -0.61 18.61
N PRO A 205 -14.69 -1.00 17.40
CA PRO A 205 -14.25 0.02 16.45
C PRO A 205 -15.31 1.10 16.19
N ASP A 206 -14.87 2.34 16.05
CA ASP A 206 -15.76 3.44 15.65
C ASP A 206 -15.86 3.48 14.13
N MET A 207 -14.81 3.02 13.47
CA MET A 207 -14.81 2.98 12.03
C MET A 207 -14.13 1.72 11.54
N VAL A 208 -14.72 1.10 10.53
CA VAL A 208 -14.06 -0.02 9.92
C VAL A 208 -13.64 0.36 8.50
N LEU A 209 -12.39 0.07 8.15
CA LEU A 209 -11.89 0.24 6.79
C LEU A 209 -11.87 -1.12 6.07
N VAL A 210 -12.18 -1.16 4.77
CA VAL A 210 -12.31 -2.46 4.12
C VAL A 210 -11.38 -2.70 2.93
N SER A 211 -10.85 -3.94 2.94
CA SER A 211 -9.89 -4.51 1.98
C SER A 211 -9.88 -3.97 0.56
N GLY A 212 -9.74 -2.66 0.44
CA GLY A 212 -9.84 -2.02 -0.84
C GLY A 212 -11.22 -1.42 -0.99
N ARG A 213 -11.30 -0.35 -1.78
CA ARG A 213 -12.58 0.13 -2.27
C ARG A 213 -13.17 -0.98 -3.16
N SER A 214 -12.26 -1.85 -3.60
CA SER A 214 -12.53 -2.92 -4.53
C SER A 214 -13.18 -4.14 -3.88
N LEU A 215 -13.05 -4.29 -2.56
CA LEU A 215 -13.69 -5.43 -1.87
C LEU A 215 -15.20 -5.24 -1.71
N GLU A 216 -15.78 -4.63 -2.73
CA GLU A 216 -17.22 -4.50 -2.85
C GLU A 216 -17.54 -4.17 -4.31
N LYS A 217 -17.96 -5.13 -5.14
CA LYS A 217 -18.01 -6.60 -4.95
C LYS A 217 -18.82 -7.14 -3.76
N LEU A 218 -19.71 -6.32 -3.23
CA LEU A 218 -20.57 -6.77 -2.15
C LEU A 218 -21.77 -5.85 -2.05
N GLY A 219 -21.55 -4.61 -2.48
CA GLY A 219 -22.53 -3.56 -2.34
C GLY A 219 -21.82 -2.36 -1.75
N GLY A 220 -21.79 -2.30 -0.43
CA GLY A 220 -21.17 -1.19 0.26
C GLY A 220 -21.34 -1.38 1.74
N ALA A 221 -21.39 -0.26 2.47
CA ALA A 221 -21.51 -0.24 3.93
C ALA A 221 -22.48 -1.29 4.47
N ASP A 222 -23.76 -1.13 4.16
CA ASP A 222 -24.79 -2.07 4.61
C ASP A 222 -24.47 -3.52 4.21
N ALA A 223 -23.75 -3.69 3.09
CA ALA A 223 -23.44 -5.02 2.58
C ALA A 223 -22.31 -5.69 3.34
N VAL A 224 -21.26 -4.93 3.66
CA VAL A 224 -20.19 -5.45 4.49
C VAL A 224 -20.75 -5.77 5.89
N LEU A 225 -21.65 -4.92 6.35
CA LEU A 225 -22.43 -5.19 7.55
C LEU A 225 -23.19 -6.50 7.41
N ASN A 226 -23.78 -6.75 6.23
CA ASN A 226 -24.43 -8.03 5.96
C ASN A 226 -23.42 -9.16 6.09
N ALA A 227 -22.19 -8.86 5.68
CA ALA A 227 -21.12 -9.85 5.61
C ALA A 227 -20.56 -10.19 6.98
N VAL A 228 -20.52 -9.17 7.85
CA VAL A 228 -19.92 -9.29 9.17
C VAL A 228 -20.93 -8.81 10.23
N PRO A 229 -21.93 -9.66 10.50
CA PRO A 229 -23.15 -9.28 11.23
C PRO A 229 -22.89 -8.88 12.68
N MET A 230 -21.68 -9.10 13.18
CA MET A 230 -21.36 -8.77 14.56
C MET A 230 -20.90 -7.32 14.70
N LEU A 231 -20.66 -6.67 13.56
CA LEU A 231 -20.39 -5.23 13.54
C LEU A 231 -21.58 -4.46 14.11
N ALA A 232 -22.76 -5.07 14.04
CA ALA A 232 -23.98 -4.51 14.61
C ALA A 232 -23.84 -4.17 16.10
N ALA A 233 -22.87 -4.80 16.77
CA ALA A 233 -22.61 -4.55 18.19
C ALA A 233 -21.36 -3.67 18.40
N THR A 234 -20.95 -2.96 17.35
CA THR A 234 -19.89 -1.96 17.45
C THR A 234 -20.46 -0.62 16.97
N PRO A 235 -19.87 0.50 17.43
CA PRO A 235 -20.28 1.82 16.95
C PRO A 235 -20.20 1.93 15.44
N ALA A 236 -19.11 1.45 14.86
CA ALA A 236 -18.95 1.46 13.42
C ALA A 236 -20.13 0.77 12.74
N GLY A 237 -20.51 -0.40 13.24
CA GLY A 237 -21.61 -1.12 12.64
C GLY A 237 -22.95 -0.42 12.83
N GLN A 238 -23.23 0.02 14.05
CA GLN A 238 -24.53 0.62 14.35
C GLN A 238 -24.65 2.02 13.74
N ASN A 239 -23.53 2.57 13.28
CA ASN A 239 -23.56 3.83 12.53
C ASN A 239 -23.23 3.64 11.04
N LYS A 240 -23.11 2.39 10.59
CA LYS A 240 -22.71 2.06 9.22
C LYS A 240 -21.49 2.89 8.80
N ASN A 241 -20.58 3.07 9.72
CA ASN A 241 -19.40 3.88 9.46
C ASN A 241 -18.30 2.99 8.87
N ILE A 242 -18.62 2.39 7.72
CA ILE A 242 -17.75 1.45 7.00
C ILE A 242 -17.20 2.11 5.74
N VAL A 243 -15.88 2.35 5.73
CA VAL A 243 -15.25 3.26 4.78
C VAL A 243 -14.23 2.58 3.87
N ALA A 244 -14.27 2.93 2.59
CA ALA A 244 -13.41 2.29 1.60
C ALA A 244 -12.05 2.96 1.52
N ILE A 245 -11.01 2.16 1.51
CA ILE A 245 -9.66 2.67 1.34
C ILE A 245 -9.04 2.00 0.10
N ASP A 246 -8.42 2.81 -0.76
CA ASP A 246 -7.86 2.32 -2.01
C ASP A 246 -6.78 1.28 -1.77
N GLY A 247 -6.95 0.10 -2.36
CA GLY A 247 -6.03 -1.02 -2.14
C GLY A 247 -4.59 -0.80 -2.58
N HIS A 248 -4.40 0.14 -3.50
CA HIS A 248 -3.07 0.48 -3.98
C HIS A 248 -2.23 1.21 -2.94
N ALA A 249 -2.90 1.77 -1.94
CA ALA A 249 -2.25 2.49 -0.85
C ALA A 249 -1.77 1.53 0.21
N LEU A 250 -2.01 0.25 -0.01
CA LEU A 250 -1.69 -0.78 0.97
C LEU A 250 -0.57 -1.68 0.48
N VAL A 251 -0.21 -1.52 -0.78
CA VAL A 251 0.74 -2.40 -1.44
C VAL A 251 2.12 -1.76 -1.61
N GLY A 252 3.16 -2.46 -1.16
CA GLY A 252 4.50 -2.02 -1.46
C GLY A 252 5.54 -1.44 -0.49
N GLY A 253 5.22 -0.91 0.70
CA GLY A 253 3.92 -0.71 1.29
C GLY A 253 3.46 0.73 1.57
N LEU A 254 4.04 1.44 2.55
CA LEU A 254 3.53 2.81 2.84
C LEU A 254 4.05 3.82 1.84
N GLY A 255 3.14 4.44 1.11
CA GLY A 255 3.54 5.31 0.02
C GLY A 255 2.77 6.61 -0.06
N LEU A 256 2.84 7.27 -1.23
CA LEU A 256 2.24 8.58 -1.42
C LEU A 256 0.72 8.48 -1.42
N LYS A 257 0.21 7.44 -2.08
CA LYS A 257 -1.22 7.12 -2.05
C LYS A 257 -1.71 6.82 -0.62
N SER A 258 -0.89 6.11 0.16
CA SER A 258 -1.22 5.82 1.55
C SER A 258 -1.48 7.11 2.31
N LEU A 259 -0.56 8.05 2.19
CA LEU A 259 -0.68 9.35 2.83
C LEU A 259 -1.93 10.13 2.38
N GLN A 260 -2.23 10.08 1.07
CA GLN A 260 -3.39 10.72 0.48
C GLN A 260 -4.72 10.11 0.96
N GLU A 261 -4.81 8.79 0.97
CA GLU A 261 -5.95 8.10 1.58
C GLU A 261 -6.11 8.43 3.05
N ALA A 262 -4.98 8.43 3.77
CA ALA A 262 -4.98 8.71 5.20
C ALA A 262 -5.60 10.06 5.49
N GLN A 263 -5.18 11.09 4.76
CA GLN A 263 -5.78 12.43 4.86
C GLN A 263 -7.26 12.36 4.59
N ARG A 264 -7.60 11.73 3.46
CA ARG A 264 -8.98 11.65 3.03
C ARG A 264 -9.84 10.94 4.07
N ILE A 265 -9.29 9.92 4.72
CA ILE A 265 -10.06 9.19 5.73
C ILE A 265 -10.09 9.93 7.08
N GLN A 266 -9.02 10.63 7.44
CA GLN A 266 -9.02 11.41 8.69
C GLN A 266 -10.10 12.48 8.69
N THR A 267 -10.35 13.05 7.51
CA THR A 267 -11.40 14.03 7.35
C THR A 267 -12.76 13.39 7.63
N LEU A 268 -12.87 12.10 7.32
CA LEU A 268 -14.13 11.37 7.58
C LEU A 268 -14.27 11.02 9.06
N LEU A 269 -13.14 10.69 9.69
CA LEU A 269 -13.11 10.22 11.07
C LEU A 269 -13.21 11.37 12.07
N TYR A 270 -12.69 12.53 11.69
CA TYR A 270 -12.73 13.72 12.53
C TYR A 270 -13.17 14.93 11.73
N PRO A 271 -14.49 15.14 11.61
CA PRO A 271 -14.94 16.39 11.01
C PRO A 271 -14.82 17.57 11.98
#